data_8PHP
#
_entry.id   8PHP
#
_cell.length_a   1.00
_cell.length_b   1.00
_cell.length_c   1.00
_cell.angle_alpha   90.00
_cell.angle_beta   90.00
_cell.angle_gamma   90.00
#
_symmetry.space_group_name_H-M   'P 1'
#
loop_
_entity.id
_entity.type
_entity.pdbx_description
1 polymer 'Phage portal protein'
2 polymer 'Scaffold protein'
#
loop_
_entity_poly.entity_id
_entity_poly.type
_entity_poly.pdbx_seq_one_letter_code
_entity_poly.pdbx_strand_id
1 'polypeptide(L)'
;MCDLRKTKLIDKISSLELYKYSIFFRNYIENVAEDCLKNGLILESAAHNVSEVELARLKVQLKNALLNCIISYRFHGIGY
VLVKTKDTLIDLEQPVNIELPIGFEYLDYEYVRDLGVDFDHITYKVKSNNKNNSLDAVKIHKSRLIIYENFDYILKRYVP
CYTESFLLDIYLFEKIYVEIERRIENHNFLFYKDESLVQLQDALSSATTSLSALTQSNNDRGSGILSSFLRKQNSNNHSK
DISNLRNLNDSLSQELARLKSNLNNEGMFYTATPSASLEVIKYDLSYLKEALALIKAKIGADTKEPLTRSFNEQAKGLGN
DGKGDRSNYYDFLKGVQEQVENSCNLKLTKYFGLDMKFNSLIMLSEEQKVERDIKLIELYSKYNQLIQSSSFNNEELAML
KEKLFSF
;
A
2 'polypeptide(L)'
;MTEKEEKEDLQAQDKEEQQIKADTKVISVQEFEEYMRFKEQANSKSKETSRDLSINERITKELAEVEERERIEKQLLLEA
ERINEIDTLAKAHLSNHFNKEVLLAKGYTLKDIMQAQRRELVRKFVPIEQIKAIAKVSDISHIDGEILEQLVSLAKVNIK
LRKNASSSSSSVDSIKGNIAIKSEERASLLDSNFVPINFTEFVQAISNTYKQRRIQFYENLKRHKRTSIA
;
B
#
# COMPACT_ATOMS: atom_id res chain seq x y z
N ILE A 13 -15.12 -24.19 0.82
CA ILE A 13 -14.82 -23.14 -0.15
C ILE A 13 -13.38 -22.65 0.06
N SER A 14 -12.58 -22.74 -1.00
CA SER A 14 -11.18 -22.33 -0.95
C SER A 14 -11.05 -20.92 -1.53
N SER A 15 -10.38 -20.04 -0.79
CA SER A 15 -10.20 -18.67 -1.25
C SER A 15 -9.34 -18.61 -2.50
N LEU A 16 -8.30 -19.44 -2.55
CA LEU A 16 -7.41 -19.44 -3.71
C LEU A 16 -8.14 -19.87 -4.98
N GLU A 17 -8.98 -20.91 -4.87
CA GLU A 17 -9.75 -21.34 -6.04
C GLU A 17 -10.75 -20.27 -6.47
N LEU A 18 -11.38 -19.60 -5.51
CA LEU A 18 -12.31 -18.53 -5.83
C LEU A 18 -11.59 -17.35 -6.47
N TYR A 19 -10.36 -17.07 -6.03
CA TYR A 19 -9.59 -15.98 -6.62
C TYR A 19 -9.28 -16.26 -8.08
N LYS A 20 -8.92 -17.51 -8.40
CA LYS A 20 -8.60 -17.85 -9.78
C LYS A 20 -9.82 -17.73 -10.68
N TYR A 21 -10.98 -18.19 -10.21
CA TYR A 21 -12.15 -18.29 -11.09
C TYR A 21 -12.88 -16.96 -11.22
N SER A 22 -13.03 -16.20 -10.13
CA SER A 22 -13.90 -15.04 -10.10
C SER A 22 -13.08 -13.76 -10.22
N ILE A 23 -13.41 -12.94 -11.20
CA ILE A 23 -12.84 -11.60 -11.29
C ILE A 23 -13.48 -10.65 -10.27
N PHE A 24 -14.72 -10.93 -9.86
CA PHE A 24 -15.36 -10.13 -8.82
C PHE A 24 -14.59 -10.21 -7.50
N PHE A 25 -14.14 -11.42 -7.14
CA PHE A 25 -13.34 -11.58 -5.94
C PHE A 25 -11.99 -10.87 -6.07
N ARG A 26 -11.38 -10.95 -7.26
CA ARG A 26 -10.09 -10.31 -7.47
C ARG A 26 -10.18 -8.81 -7.31
N ASN A 27 -11.23 -8.19 -7.87
CA ASN A 27 -11.38 -6.75 -7.75
C ASN A 27 -11.62 -6.32 -6.31
N TYR A 28 -12.40 -7.11 -5.57
CA TYR A 28 -12.71 -6.76 -4.18
C TYR A 28 -11.44 -6.69 -3.34
N ILE A 29 -10.50 -7.61 -3.56
CA ILE A 29 -9.24 -7.60 -2.81
C ILE A 29 -8.39 -6.41 -3.23
N GLU A 30 -8.33 -6.13 -4.53
CA GLU A 30 -7.38 -5.17 -5.08
C GLU A 30 -7.91 -3.73 -5.11
N ASN A 31 -9.22 -3.53 -4.95
CA ASN A 31 -9.77 -2.19 -5.05
C ASN A 31 -9.27 -1.29 -3.93
N VAL A 32 -9.19 -1.82 -2.71
CA VAL A 32 -8.76 -1.02 -1.57
C VAL A 32 -7.30 -0.59 -1.73
N ALA A 33 -6.44 -1.51 -2.18
CA ALA A 33 -5.03 -1.19 -2.34
C ALA A 33 -4.82 -0.10 -3.40
N GLU A 34 -5.58 -0.17 -4.51
CA GLU A 34 -5.42 0.81 -5.57
C GLU A 34 -5.89 2.20 -5.13
N ASP A 35 -6.91 2.28 -4.29
CA ASP A 35 -7.43 3.57 -3.85
C ASP A 35 -6.51 4.24 -2.84
N CYS A 36 -5.83 3.46 -2.00
CA CYS A 36 -4.95 4.04 -0.99
C CYS A 36 -3.78 4.79 -1.63
N LEU A 37 -3.19 4.22 -2.69
CA LEU A 37 -2.05 4.81 -3.35
C LEU A 37 -2.43 5.59 -4.60
N LYS A 38 -3.72 5.89 -4.78
CA LYS A 38 -4.17 6.57 -5.99
C LYS A 38 -3.60 7.98 -6.08
N ASN A 39 -3.54 8.69 -4.95
CA ASN A 39 -3.08 10.07 -4.92
C ASN A 39 -1.58 10.20 -4.70
N GLY A 40 -0.86 9.10 -4.52
CA GLY A 40 0.57 9.15 -4.35
C GLY A 40 0.99 9.32 -2.90
N LEU A 41 2.31 9.34 -2.71
CA LEU A 41 2.92 9.44 -1.39
C LEU A 41 3.83 10.66 -1.34
N ILE A 42 4.29 10.97 -0.12
CA ILE A 42 5.28 12.02 0.12
C ILE A 42 6.43 11.39 0.88
N LEU A 43 7.64 11.52 0.34
CA LEU A 43 8.84 10.97 0.96
C LEU A 43 9.78 12.12 1.31
N GLU A 44 10.29 12.10 2.55
CA GLU A 44 11.16 13.14 3.05
C GLU A 44 12.31 12.52 3.82
N SER A 45 13.43 13.23 3.86
CA SER A 45 14.62 12.80 4.57
C SER A 45 14.88 13.73 5.74
N ALA A 46 15.05 13.15 6.94
CA ALA A 46 15.31 13.95 8.13
C ALA A 46 16.64 14.68 8.02
N ALA A 47 17.67 13.99 7.51
CA ALA A 47 18.98 14.61 7.36
C ALA A 47 18.98 15.73 6.32
N HIS A 48 18.01 15.76 5.42
CA HIS A 48 17.92 16.78 4.37
C HIS A 48 19.18 16.81 3.52
N ASN A 49 19.73 15.64 3.24
CA ASN A 49 20.94 15.52 2.41
C ASN A 49 20.71 14.75 1.12
N VAL A 50 19.67 13.93 1.03
CA VAL A 50 19.41 13.17 -0.19
C VAL A 50 18.82 14.09 -1.24
N SER A 51 19.31 13.96 -2.47
CA SER A 51 18.79 14.76 -3.57
C SER A 51 17.35 14.35 -3.88
N GLU A 52 16.58 15.31 -4.38
CA GLU A 52 15.17 15.05 -4.69
C GLU A 52 15.02 14.07 -5.84
N VAL A 53 15.94 14.09 -6.81
CA VAL A 53 15.87 13.16 -7.93
C VAL A 53 16.02 11.73 -7.45
N GLU A 54 17.00 11.48 -6.58
CA GLU A 54 17.18 10.16 -6.00
C GLU A 54 16.01 9.79 -5.09
N LEU A 55 15.58 10.74 -4.25
CA LEU A 55 14.49 10.47 -3.32
C LEU A 55 13.19 10.16 -4.04
N ALA A 56 12.94 10.81 -5.18
CA ALA A 56 11.73 10.53 -5.95
C ALA A 56 11.75 9.11 -6.50
N ARG A 57 12.91 8.63 -6.94
CA ARG A 57 13.02 7.27 -7.45
C ARG A 57 12.74 6.25 -6.36
N LEU A 58 13.16 6.54 -5.13
CA LEU A 58 12.83 5.66 -4.00
C LEU A 58 11.33 5.61 -3.77
N LYS A 59 10.65 6.76 -3.93
CA LYS A 59 9.21 6.79 -3.73
C LYS A 59 8.48 5.93 -4.76
N VAL A 60 9.01 5.88 -5.98
CA VAL A 60 8.38 5.09 -7.04
C VAL A 60 8.39 3.60 -6.67
N GLN A 61 9.53 3.11 -6.22
CA GLN A 61 9.62 1.70 -5.83
C GLN A 61 8.85 1.42 -4.55
N LEU A 62 8.77 2.40 -3.64
CA LEU A 62 8.00 2.22 -2.43
C LEU A 62 6.51 2.04 -2.75
N LYS A 63 5.99 2.81 -3.70
CA LYS A 63 4.60 2.67 -4.08
C LYS A 63 4.33 1.29 -4.67
N ASN A 64 5.24 0.79 -5.51
CA ASN A 64 5.05 -0.52 -6.11
C ASN A 64 5.07 -1.62 -5.05
N ALA A 65 5.99 -1.52 -4.08
CA ALA A 65 6.05 -2.52 -3.02
C ALA A 65 4.87 -2.44 -2.07
N LEU A 66 4.34 -1.23 -1.84
CA LEU A 66 3.22 -1.06 -0.93
C LEU A 66 1.92 -1.60 -1.51
N LEU A 67 1.77 -1.57 -2.84
CA LEU A 67 0.56 -2.09 -3.46
C LEU A 67 0.40 -3.57 -3.21
N ASN A 68 1.49 -4.33 -3.32
CA ASN A 68 1.41 -5.77 -3.07
C ASN A 68 1.33 -6.08 -1.58
N CYS A 69 1.90 -5.22 -0.74
CA CYS A 69 1.83 -5.44 0.71
C CYS A 69 0.39 -5.35 1.21
N ILE A 70 -0.38 -4.39 0.71
CA ILE A 70 -1.77 -4.27 1.12
C ILE A 70 -2.59 -5.43 0.59
N ILE A 71 -2.31 -5.86 -0.64
CA ILE A 71 -3.03 -7.00 -1.22
C ILE A 71 -2.75 -8.26 -0.41
N SER A 72 -1.49 -8.49 -0.05
CA SER A 72 -1.16 -9.62 0.80
C SER A 72 -1.76 -9.47 2.18
N TYR A 73 -1.86 -8.23 2.68
CA TYR A 73 -2.50 -7.99 3.97
C TYR A 73 -3.97 -8.37 3.93
N ARG A 74 -4.66 -8.05 2.82
CA ARG A 74 -6.08 -8.36 2.71
C ARG A 74 -6.34 -9.84 2.42
N PHE A 75 -5.47 -10.48 1.65
CA PHE A 75 -5.71 -11.86 1.26
C PHE A 75 -5.20 -12.85 2.31
N HIS A 76 -4.03 -12.60 2.89
CA HIS A 76 -3.43 -13.52 3.84
C HIS A 76 -3.54 -13.06 5.29
N GLY A 77 -3.46 -11.76 5.54
CA GLY A 77 -3.47 -11.23 6.89
C GLY A 77 -2.17 -10.58 7.31
N ILE A 78 -1.12 -10.62 6.49
CA ILE A 78 0.16 -10.01 6.82
C ILE A 78 0.87 -9.67 5.53
N GLY A 79 1.68 -8.63 5.56
CA GLY A 79 2.44 -8.21 4.41
C GLY A 79 3.87 -7.90 4.79
N TYR A 80 4.78 -8.21 3.86
CA TYR A 80 6.21 -8.03 4.09
C TYR A 80 6.81 -7.22 2.96
N VAL A 81 7.57 -6.18 3.31
CA VAL A 81 8.30 -5.37 2.35
C VAL A 81 9.76 -5.30 2.81
N LEU A 82 10.67 -5.69 1.94
CA LEU A 82 12.09 -5.68 2.26
C LEU A 82 12.72 -4.35 1.86
N VAL A 83 13.43 -3.75 2.80
CA VAL A 83 14.14 -2.50 2.57
C VAL A 83 15.56 -2.87 2.17
N LYS A 84 15.85 -2.84 0.87
CA LYS A 84 17.14 -3.27 0.36
C LYS A 84 18.19 -2.18 0.56
N THR A 85 19.34 -2.57 1.09
CA THR A 85 20.48 -1.68 1.29
C THR A 85 21.68 -2.19 0.51
N LYS A 86 22.77 -1.42 0.54
CA LYS A 86 24.01 -1.79 -0.14
C LYS A 86 24.75 -2.79 0.74
N ASP A 87 24.30 -4.04 0.67
CA ASP A 87 24.87 -5.11 1.49
C ASP A 87 24.79 -6.41 0.72
N THR A 88 25.51 -7.41 1.23
CA THR A 88 25.52 -8.73 0.63
C THR A 88 24.33 -9.55 1.14
N LEU A 89 24.06 -10.66 0.45
CA LEU A 89 22.93 -11.51 0.82
C LEU A 89 23.10 -12.12 2.20
N ILE A 90 24.33 -12.27 2.69
CA ILE A 90 24.55 -12.81 4.03
C ILE A 90 24.43 -11.72 5.09
N ASP A 91 24.57 -10.44 4.70
CA ASP A 91 24.49 -9.35 5.65
C ASP A 91 23.07 -9.01 6.07
N LEU A 92 22.06 -9.61 5.43
CA LEU A 92 20.68 -9.33 5.80
C LEU A 92 20.37 -9.75 7.24
N GLU A 93 21.06 -10.77 7.74
CA GLU A 93 20.86 -11.20 9.12
C GLU A 93 21.28 -10.12 10.11
N GLN A 94 22.37 -9.41 9.81
CA GLN A 94 22.87 -8.40 10.72
C GLN A 94 21.89 -7.24 10.84
N PRO A 95 21.74 -6.64 12.01
CA PRO A 95 20.84 -5.48 12.16
C PRO A 95 21.42 -4.24 11.49
N VAL A 96 20.57 -3.24 11.36
CA VAL A 96 20.92 -1.97 10.73
C VAL A 96 20.80 -0.86 11.78
N ASN A 97 21.82 -0.02 11.86
CA ASN A 97 21.78 1.13 12.76
C ASN A 97 21.28 2.38 12.05
N ILE A 98 22.00 2.85 11.05
CA ILE A 98 21.62 4.02 10.24
C ILE A 98 22.17 3.82 8.84
N GLU A 99 21.30 3.87 7.84
CA GLU A 99 21.73 3.69 6.46
C GLU A 99 20.63 4.15 5.53
N LEU A 100 21.01 4.89 4.48
CA LEU A 100 20.05 5.23 3.44
C LEU A 100 19.79 3.99 2.57
N PRO A 101 18.54 3.67 2.30
CA PRO A 101 18.24 2.45 1.55
C PRO A 101 18.45 2.63 0.05
N ILE A 102 18.55 1.48 -0.63
CA ILE A 102 18.69 1.48 -2.08
C ILE A 102 17.34 1.33 -2.77
N GLY A 103 16.39 0.64 -2.14
CA GLY A 103 15.09 0.44 -2.76
C GLY A 103 14.22 -0.43 -1.87
N PHE A 104 13.05 -0.77 -2.39
CA PHE A 104 12.08 -1.58 -1.68
C PHE A 104 11.62 -2.73 -2.56
N GLU A 105 11.50 -3.92 -1.97
CA GLU A 105 11.07 -5.11 -2.69
C GLU A 105 10.04 -5.84 -1.86
N TYR A 106 8.90 -6.16 -2.47
CA TYR A 106 7.86 -6.93 -1.79
C TYR A 106 8.27 -8.39 -1.72
N LEU A 107 8.01 -9.02 -0.58
CA LEU A 107 8.33 -10.41 -0.34
C LEU A 107 7.06 -11.24 -0.38
N ASP A 108 7.09 -12.32 -1.15
CA ASP A 108 5.92 -13.20 -1.26
C ASP A 108 5.62 -13.87 0.07
N TYR A 109 4.33 -13.95 0.40
CA TYR A 109 3.93 -14.53 1.69
C TYR A 109 4.29 -16.01 1.76
N GLU A 110 4.14 -16.73 0.64
CA GLU A 110 4.37 -18.17 0.65
C GLU A 110 5.83 -18.53 0.89
N TYR A 111 6.76 -17.61 0.64
CA TYR A 111 8.19 -17.88 0.80
C TYR A 111 8.74 -17.30 2.10
N VAL A 112 7.90 -16.81 2.99
CA VAL A 112 8.32 -16.18 4.24
C VAL A 112 7.87 -17.07 5.40
N ARG A 113 8.81 -17.39 6.28
CA ARG A 113 8.53 -18.15 7.50
C ARG A 113 8.80 -17.26 8.70
N ASP A 114 7.75 -16.95 9.45
CA ASP A 114 7.85 -16.11 10.64
C ASP A 114 7.27 -16.87 11.83
N LEU A 115 8.02 -16.92 12.92
CA LEU A 115 7.63 -17.67 14.10
C LEU A 115 6.85 -16.85 15.13
N GLY A 116 6.68 -15.55 14.88
CA GLY A 116 5.90 -14.69 15.76
C GLY A 116 6.64 -13.43 16.11
N VAL A 117 6.00 -12.62 16.96
CA VAL A 117 6.58 -11.36 17.38
C VAL A 117 7.73 -11.55 18.37
N ASP A 118 7.78 -12.69 19.05
CA ASP A 118 8.86 -12.95 20.01
C ASP A 118 10.20 -13.14 19.31
N PHE A 119 10.21 -13.37 18.01
CA PHE A 119 11.44 -13.54 17.24
C PHE A 119 11.72 -12.28 16.43
N ASP A 120 13.00 -12.02 16.17
CA ASP A 120 13.43 -10.83 15.46
C ASP A 120 14.01 -11.15 14.09
N HIS A 121 13.63 -12.28 13.50
CA HIS A 121 14.15 -12.66 12.19
C HIS A 121 13.14 -13.55 11.49
N ILE A 122 13.25 -13.61 10.16
CA ILE A 122 12.43 -14.47 9.34
C ILE A 122 13.34 -15.23 8.37
N THR A 123 12.77 -16.26 7.75
CA THR A 123 13.48 -17.05 6.74
C THR A 123 12.79 -16.85 5.40
N TYR A 124 13.56 -16.49 4.38
CA TYR A 124 13.05 -16.25 3.04
C TYR A 124 13.77 -17.17 2.06
N LYS A 125 13.04 -17.63 1.05
CA LYS A 125 13.60 -18.53 0.05
C LYS A 125 13.40 -17.96 -1.35
N ALA A 137 17.18 -20.46 1.86
CA ALA A 137 16.81 -20.05 3.21
C ALA A 137 17.70 -18.91 3.69
N VAL A 138 17.33 -17.69 3.34
CA VAL A 138 18.09 -16.50 3.72
C VAL A 138 17.49 -15.91 4.99
N LYS A 139 18.32 -15.74 6.02
CA LYS A 139 17.88 -15.17 7.28
C LYS A 139 17.94 -13.65 7.20
N ILE A 140 16.81 -13.00 7.44
CA ILE A 140 16.68 -11.55 7.36
C ILE A 140 16.22 -11.02 8.71
N HIS A 141 16.93 -10.03 9.23
CA HIS A 141 16.54 -9.39 10.47
C HIS A 141 15.28 -8.56 10.26
N LYS A 142 14.45 -8.51 11.31
CA LYS A 142 13.17 -7.81 11.21
C LYS A 142 13.33 -6.30 11.16
N SER A 143 14.51 -5.76 11.46
CA SER A 143 14.72 -4.32 11.38
C SER A 143 14.77 -3.83 9.95
N ARG A 144 14.93 -4.73 8.98
CA ARG A 144 14.97 -4.38 7.56
C ARG A 144 13.63 -4.64 6.87
N LEU A 145 12.57 -4.94 7.62
CA LEU A 145 11.31 -5.39 7.06
C LEU A 145 10.18 -4.50 7.54
N ILE A 146 9.35 -4.05 6.61
CA ILE A 146 8.11 -3.36 6.94
C ILE A 146 7.00 -4.38 6.98
N ILE A 147 6.35 -4.52 8.15
CA ILE A 147 5.35 -5.56 8.38
C ILE A 147 4.01 -4.90 8.60
N TYR A 148 3.03 -5.28 7.77
CA TYR A 148 1.65 -4.80 7.89
C TYR A 148 0.77 -6.01 8.17
N GLU A 149 0.32 -6.15 9.41
CA GLU A 149 -0.38 -7.34 9.87
C GLU A 149 -1.74 -6.99 10.45
N ASN A 150 -2.68 -7.92 10.31
CA ASN A 150 -4.03 -7.79 10.86
C ASN A 150 -4.19 -8.87 11.92
N PHE A 151 -3.91 -8.51 13.17
CA PHE A 151 -4.01 -9.43 14.29
C PHE A 151 -5.34 -9.21 15.01
N ASP A 152 -6.12 -10.27 15.15
CA ASP A 152 -7.39 -10.23 15.85
C ASP A 152 -7.20 -10.79 17.25
N TYR A 153 -7.42 -9.95 18.26
CA TYR A 153 -7.16 -10.36 19.63
C TYR A 153 -8.21 -11.35 20.14
N ILE A 154 -9.43 -11.27 19.63
CA ILE A 154 -10.45 -12.24 20.02
C ILE A 154 -10.09 -13.63 19.50
N LEU A 155 -9.60 -13.71 18.26
CA LEU A 155 -9.18 -14.99 17.68
C LEU A 155 -7.72 -15.32 17.96
N LYS A 156 -6.94 -14.35 18.41
CA LYS A 156 -5.51 -14.55 18.73
C LYS A 156 -4.74 -15.11 17.54
N ARG A 157 -5.03 -14.59 16.34
CA ARG A 157 -4.36 -15.03 15.14
C ARG A 157 -4.53 -13.97 14.06
N TYR A 158 -3.69 -14.06 13.04
CA TYR A 158 -3.80 -13.16 11.89
C TYR A 158 -4.89 -13.67 10.95
N VAL A 159 -5.78 -12.77 10.54
CA VAL A 159 -6.93 -13.16 9.72
C VAL A 159 -7.00 -12.28 8.47
N PRO A 160 -7.53 -12.80 7.36
CA PRO A 160 -7.72 -11.94 6.18
C PRO A 160 -8.91 -11.00 6.34
N CYS A 161 -9.24 -10.27 5.28
CA CYS A 161 -10.36 -9.34 5.31
C CYS A 161 -11.70 -10.00 5.04
N TYR A 162 -11.72 -11.31 4.75
CA TYR A 162 -12.93 -12.03 4.46
C TYR A 162 -13.13 -13.18 5.44
N THR A 163 -14.37 -13.61 5.59
CA THR A 163 -14.73 -14.72 6.46
C THR A 163 -15.35 -15.83 5.64
N GLU A 164 -15.78 -16.89 6.32
CA GLU A 164 -16.42 -18.00 5.64
C GLU A 164 -17.78 -17.60 5.07
N SER A 165 -18.50 -16.73 5.78
CA SER A 165 -19.79 -16.26 5.29
C SER A 165 -19.64 -15.44 4.01
N PHE A 166 -18.60 -14.61 3.93
CA PHE A 166 -18.36 -13.82 2.73
C PHE A 166 -18.04 -14.72 1.54
N LEU A 167 -17.25 -15.77 1.76
CA LEU A 167 -16.90 -16.67 0.67
C LEU A 167 -18.13 -17.38 0.12
N LEU A 168 -19.08 -17.72 0.99
CA LEU A 168 -20.31 -18.36 0.53
C LEU A 168 -21.11 -17.44 -0.38
N ASP A 169 -21.15 -16.15 -0.05
CA ASP A 169 -21.89 -15.19 -0.87
C ASP A 169 -21.29 -15.08 -2.26
N ILE A 170 -19.96 -15.02 -2.36
CA ILE A 170 -19.31 -14.98 -3.66
C ILE A 170 -19.54 -16.28 -4.43
N TYR A 171 -19.46 -17.41 -3.72
CA TYR A 171 -19.70 -18.70 -4.38
C TYR A 171 -21.13 -18.80 -4.90
N LEU A 172 -22.10 -18.33 -4.12
CA LEU A 172 -23.49 -18.34 -4.58
C LEU A 172 -23.70 -17.39 -5.74
N PHE A 173 -23.00 -16.25 -5.75
CA PHE A 173 -23.10 -15.31 -6.86
C PHE A 173 -22.62 -15.95 -8.16
N GLU A 174 -21.53 -16.71 -8.11
CA GLU A 174 -21.01 -17.38 -9.30
C GLU A 174 -21.83 -18.60 -9.67
N LYS A 175 -22.42 -19.29 -8.68
CA LYS A 175 -23.16 -20.51 -8.95
C LYS A 175 -24.48 -20.24 -9.68
N ILE A 176 -25.00 -19.01 -9.59
CA ILE A 176 -26.26 -18.68 -10.26
C ILE A 176 -26.12 -18.86 -11.76
N TYR A 177 -25.04 -18.33 -12.33
CA TYR A 177 -24.84 -18.39 -13.77
C TYR A 177 -24.30 -19.73 -14.24
N VAL A 178 -23.75 -20.55 -13.34
CA VAL A 178 -23.44 -21.92 -13.69
C VAL A 178 -24.72 -22.71 -13.93
N GLU A 179 -25.73 -22.49 -13.08
CA GLU A 179 -27.01 -23.17 -13.24
C GLU A 179 -27.74 -22.72 -14.51
N ILE A 180 -27.61 -21.46 -14.88
CA ILE A 180 -28.25 -20.97 -16.11
C ILE A 180 -27.69 -21.70 -17.32
N GLU A 181 -26.36 -21.86 -17.37
CA GLU A 181 -25.73 -22.53 -18.50
C GLU A 181 -26.14 -24.00 -18.57
N ARG A 182 -26.54 -24.59 -17.44
CA ARG A 182 -26.90 -26.00 -17.42
C ARG A 182 -28.26 -26.27 -18.04
N ARG A 183 -29.14 -25.27 -18.11
CA ARG A 183 -30.49 -25.48 -18.62
C ARG A 183 -30.85 -24.53 -19.76
N ILE A 184 -29.92 -23.70 -20.23
CA ILE A 184 -30.25 -22.70 -21.23
C ILE A 184 -30.58 -23.36 -22.57
N GLU A 185 -29.88 -24.45 -22.90
CA GLU A 185 -30.10 -25.10 -24.19
C GLU A 185 -31.47 -25.76 -24.26
N ASN A 186 -31.94 -26.34 -23.17
CA ASN A 186 -33.19 -27.09 -23.13
C ASN A 186 -34.20 -26.43 -22.20
N HIS A 187 -34.25 -25.09 -22.20
CA HIS A 187 -35.24 -24.40 -21.39
C HIS A 187 -36.65 -24.68 -21.89
N ASN A 188 -36.81 -24.89 -23.19
CA ASN A 188 -38.08 -25.29 -23.78
C ASN A 188 -37.85 -26.51 -24.67
N PHE A 189 -38.67 -27.54 -24.48
CA PHE A 189 -38.60 -28.71 -25.34
C PHE A 189 -39.96 -29.40 -25.36
N LEU A 190 -40.14 -30.27 -26.35
CA LEU A 190 -41.42 -30.93 -26.60
C LEU A 190 -41.44 -32.31 -25.96
N PHE A 191 -42.57 -32.64 -25.34
CA PHE A 191 -42.81 -33.96 -24.78
C PHE A 191 -43.87 -34.65 -25.62
N TYR A 192 -43.48 -35.65 -26.38
CA TYR A 192 -44.35 -36.31 -27.35
C TYR A 192 -44.62 -37.74 -26.90
N LYS A 193 -45.90 -38.11 -26.84
CA LYS A 193 -46.33 -39.46 -26.50
C LYS A 193 -47.09 -40.03 -27.69
N ASP A 194 -46.63 -41.17 -28.19
CA ASP A 194 -47.28 -41.80 -29.34
C ASP A 194 -46.96 -43.29 -29.31
N GLU A 195 -47.97 -44.12 -29.01
CA GLU A 195 -47.73 -45.55 -28.91
C GLU A 195 -47.56 -46.18 -30.28
N SER A 196 -48.31 -45.73 -31.28
CA SER A 196 -48.23 -46.32 -32.60
C SER A 196 -46.89 -46.03 -33.27
N LEU A 197 -46.35 -44.83 -33.07
CA LEU A 197 -45.08 -44.45 -33.68
C LEU A 197 -43.93 -45.22 -33.06
N ALA A 257 -37.22 -37.69 -38.08
CA ALA A 257 -36.79 -37.02 -39.31
C ALA A 257 -37.99 -36.56 -40.12
N ARG A 258 -38.93 -37.47 -40.37
CA ARG A 258 -40.13 -37.12 -41.13
C ARG A 258 -40.98 -36.11 -40.38
N LEU A 259 -41.08 -36.25 -39.06
CA LEU A 259 -41.88 -35.32 -38.27
C LEU A 259 -41.32 -33.90 -38.34
N LYS A 260 -40.00 -33.78 -38.23
CA LYS A 260 -39.39 -32.46 -38.28
C LYS A 260 -39.45 -31.87 -39.69
N SER A 261 -39.32 -32.72 -40.71
CA SER A 261 -39.37 -32.24 -42.09
C SER A 261 -40.73 -31.63 -42.42
N ASN A 262 -41.82 -32.28 -41.98
CA ASN A 262 -43.14 -31.74 -42.22
C ASN A 262 -43.38 -30.48 -41.40
N LEU A 263 -42.82 -30.41 -40.19
CA LEU A 263 -43.02 -29.23 -39.34
C LEU A 263 -42.27 -28.03 -39.89
N ASN A 264 -41.07 -28.24 -40.43
CA ASN A 264 -40.28 -27.12 -40.94
C ASN A 264 -40.94 -26.45 -42.14
N ASN A 265 -41.52 -27.25 -43.04
CA ASN A 265 -42.08 -26.73 -44.28
C ASN A 265 -43.55 -26.33 -44.13
N GLU A 266 -44.40 -27.29 -43.77
CA GLU A 266 -45.82 -27.03 -43.70
C GLU A 266 -46.22 -26.33 -42.40
N GLY A 267 -45.46 -26.54 -41.33
CA GLY A 267 -45.82 -25.98 -40.04
C GLY A 267 -46.95 -26.69 -39.33
N MET A 268 -47.25 -27.92 -39.72
CA MET A 268 -48.30 -28.71 -39.09
C MET A 268 -47.75 -30.05 -38.66
N PHE A 269 -48.02 -30.43 -37.41
CA PHE A 269 -47.61 -31.72 -36.87
C PHE A 269 -48.83 -32.64 -36.85
N TYR A 270 -48.75 -33.74 -37.59
CA TYR A 270 -49.89 -34.64 -37.77
C TYR A 270 -49.60 -36.00 -37.15
N THR A 271 -50.65 -36.59 -36.56
CA THR A 271 -50.57 -37.93 -36.01
C THR A 271 -51.94 -38.59 -36.15
N ALA A 272 -51.94 -39.92 -36.10
CA ALA A 272 -53.15 -40.70 -36.26
C ALA A 272 -53.61 -41.38 -34.97
N THR A 273 -52.76 -41.43 -33.95
CA THR A 273 -53.15 -42.07 -32.69
C THR A 273 -54.13 -41.17 -31.94
N PRO A 274 -55.31 -41.67 -31.58
CA PRO A 274 -56.26 -40.83 -30.84
C PRO A 274 -55.78 -40.44 -29.44
N SER A 275 -54.85 -41.18 -28.86
CA SER A 275 -54.36 -40.90 -27.52
C SER A 275 -53.03 -40.16 -27.51
N ALA A 276 -52.55 -39.71 -28.68
CA ALA A 276 -51.29 -39.01 -28.74
C ALA A 276 -51.39 -37.65 -28.06
N SER A 277 -50.27 -37.21 -27.48
CA SER A 277 -50.20 -35.94 -26.78
C SER A 277 -48.93 -35.21 -27.16
N LEU A 278 -48.98 -33.89 -27.08
CA LEU A 278 -47.83 -33.03 -27.36
C LEU A 278 -47.87 -31.84 -26.44
N GLU A 279 -46.85 -31.69 -25.60
CA GLU A 279 -46.81 -30.64 -24.59
C GLU A 279 -45.43 -30.00 -24.56
N VAL A 280 -45.39 -28.69 -24.39
CA VAL A 280 -44.14 -27.96 -24.24
C VAL A 280 -43.75 -27.95 -22.77
N ILE A 281 -42.52 -28.37 -22.49
CA ILE A 281 -41.98 -28.37 -21.13
C ILE A 281 -41.08 -27.15 -20.98
N LYS A 282 -41.35 -26.33 -19.97
CA LYS A 282 -40.66 -25.07 -19.78
C LYS A 282 -40.01 -25.02 -18.40
N TYR A 283 -38.81 -24.45 -18.35
CA TYR A 283 -38.15 -24.17 -17.09
C TYR A 283 -38.47 -22.75 -16.63
N ASP A 284 -38.06 -22.43 -15.41
CA ASP A 284 -38.35 -21.14 -14.80
C ASP A 284 -37.09 -20.56 -14.17
N LEU A 285 -37.06 -19.23 -14.08
CA LEU A 285 -35.92 -18.53 -13.51
C LEU A 285 -36.30 -17.64 -12.33
N SER A 286 -37.48 -17.82 -11.75
CA SER A 286 -37.88 -17.00 -10.60
C SER A 286 -37.01 -17.29 -9.39
N TYR A 287 -36.60 -18.55 -9.21
CA TYR A 287 -35.75 -18.89 -8.08
C TYR A 287 -34.41 -18.18 -8.16
N LEU A 288 -33.79 -18.17 -9.35
CA LEU A 288 -32.48 -17.55 -9.49
C LEU A 288 -32.57 -16.03 -9.46
N LYS A 289 -33.65 -15.45 -9.99
CA LYS A 289 -33.82 -14.00 -9.90
C LYS A 289 -33.95 -13.54 -8.46
N GLU A 290 -34.73 -14.27 -7.66
CA GLU A 290 -34.89 -13.90 -6.25
C GLU A 290 -33.62 -14.12 -5.47
N ALA A 291 -32.84 -15.15 -5.80
CA ALA A 291 -31.58 -15.41 -5.11
C ALA A 291 -30.61 -14.26 -5.32
N LEU A 292 -30.57 -13.70 -6.53
CA LEU A 292 -29.64 -12.60 -6.82
C LEU A 292 -29.95 -11.38 -5.95
N ALA A 293 -31.24 -11.08 -5.76
CA ALA A 293 -31.61 -9.95 -4.92
C ALA A 293 -31.17 -10.17 -3.48
N LEU A 294 -31.36 -11.38 -2.96
CA LEU A 294 -30.91 -11.68 -1.60
C LEU A 294 -29.40 -11.64 -1.49
N ILE A 295 -28.70 -12.17 -2.49
CA ILE A 295 -27.24 -12.21 -2.45
C ILE A 295 -26.66 -10.81 -2.51
N LYS A 296 -27.23 -9.93 -3.35
CA LYS A 296 -26.72 -8.58 -3.47
C LYS A 296 -26.85 -7.82 -2.15
N ALA A 297 -27.97 -8.01 -1.44
CA ALA A 297 -28.13 -7.37 -0.14
C ALA A 297 -27.10 -7.87 0.87
N LYS A 298 -26.82 -9.17 0.85
CA LYS A 298 -25.83 -9.73 1.77
C LYS A 298 -24.43 -9.19 1.47
N ILE A 299 -24.08 -9.07 0.20
CA ILE A 299 -22.76 -8.57 -0.18
C ILE A 299 -22.58 -7.13 0.31
N GLY A 300 -23.60 -6.30 0.14
CA GLY A 300 -23.52 -4.93 0.59
C GLY A 300 -23.36 -4.81 2.09
N ALA A 301 -23.98 -5.71 2.86
CA ALA A 301 -23.87 -5.67 4.31
C ALA A 301 -22.55 -6.23 4.81
N ASP A 302 -21.84 -7.01 4.00
CA ASP A 302 -20.62 -7.67 4.43
C ASP A 302 -19.35 -6.90 4.09
N THR A 303 -19.47 -5.76 3.41
CA THR A 303 -18.29 -4.99 3.04
C THR A 303 -18.67 -3.52 2.95
N LYS A 304 -17.64 -2.67 2.97
CA LYS A 304 -17.82 -1.22 2.89
C LYS A 304 -17.32 -0.63 1.58
N GLU A 305 -16.71 -1.43 0.71
CA GLU A 305 -16.18 -0.91 -0.54
C GLU A 305 -17.33 -0.61 -1.48
N PRO A 306 -17.50 0.65 -1.91
CA PRO A 306 -18.71 1.00 -2.67
C PRO A 306 -18.86 0.28 -4.00
N LEU A 307 -17.76 -0.02 -4.69
CA LEU A 307 -17.87 -0.67 -5.99
C LEU A 307 -18.36 -2.11 -5.85
N THR A 308 -17.92 -2.81 -4.80
CA THR A 308 -18.34 -4.18 -4.60
C THR A 308 -19.81 -4.26 -4.20
N ARG A 309 -20.25 -3.37 -3.31
CA ARG A 309 -21.64 -3.41 -2.85
C ARG A 309 -22.60 -3.10 -3.99
N SER A 310 -22.30 -2.08 -4.80
CA SER A 310 -23.21 -1.60 -5.81
C SER A 310 -23.01 -2.27 -7.17
N PHE A 311 -22.11 -3.25 -7.26
CA PHE A 311 -21.79 -3.90 -8.53
C PHE A 311 -21.31 -2.89 -9.55
N ASN A 312 -20.35 -2.04 -9.13
CA ASN A 312 -19.71 -1.04 -9.98
C ASN A 312 -20.70 0.01 -10.49
N GLU A 313 -21.79 0.23 -9.74
CA GLU A 313 -22.78 1.22 -10.14
C GLU A 313 -22.64 2.56 -9.41
N GLN A 314 -22.00 2.56 -8.23
CA GLN A 314 -21.85 3.77 -7.45
C GLN A 314 -20.40 4.26 -7.52
N ALA A 315 -20.23 5.55 -7.24
CA ALA A 315 -18.91 6.16 -7.20
C ALA A 315 -18.24 5.89 -5.86
N LYS A 316 -16.94 6.16 -5.80
CA LYS A 316 -16.18 5.92 -4.58
C LYS A 316 -16.53 6.89 -3.47
N GLY A 317 -17.16 8.01 -3.79
CA GLY A 317 -17.54 8.97 -2.76
C GLY A 317 -16.36 9.61 -2.05
N LEU A 318 -15.31 9.97 -2.81
CA LEU A 318 -14.14 10.62 -2.25
C LEU A 318 -13.98 12.05 -2.78
N GLY A 319 -15.09 12.70 -3.12
CA GLY A 319 -15.06 14.06 -3.61
C GLY A 319 -15.17 15.07 -2.48
N ASN A 320 -15.21 16.34 -2.87
CA ASN A 320 -15.31 17.46 -1.94
C ASN A 320 -16.71 18.04 -2.02
N ASP A 321 -17.45 17.97 -0.92
CA ASP A 321 -18.82 18.50 -0.84
C ASP A 321 -18.90 19.74 0.02
N GLY A 322 -17.78 20.26 0.51
CA GLY A 322 -17.81 21.42 1.36
C GLY A 322 -18.35 21.19 2.75
N LYS A 323 -18.46 19.93 3.18
CA LYS A 323 -18.97 19.60 4.50
C LYS A 323 -18.08 18.55 5.13
N GLY A 324 -18.12 18.49 6.46
CA GLY A 324 -17.35 17.53 7.21
C GLY A 324 -17.95 16.15 7.30
N ASP A 325 -19.14 15.93 6.74
CA ASP A 325 -19.80 14.63 6.75
C ASP A 325 -19.20 13.77 5.66
N ARG A 326 -18.10 13.09 5.98
CA ARG A 326 -17.44 12.22 5.03
C ARG A 326 -18.17 10.90 4.89
N SER A 327 -17.87 10.18 3.81
CA SER A 327 -18.51 8.90 3.54
C SER A 327 -17.86 7.79 4.35
N ASN A 328 -18.54 6.64 4.39
CA ASN A 328 -18.00 5.50 5.11
C ASN A 328 -16.71 5.00 4.48
N TYR A 329 -16.63 5.03 3.15
CA TYR A 329 -15.42 4.56 2.47
C TYR A 329 -14.23 5.46 2.78
N TYR A 330 -14.47 6.77 2.92
CA TYR A 330 -13.38 7.68 3.27
C TYR A 330 -12.80 7.33 4.64
N ASP A 331 -13.67 7.04 5.62
CA ASP A 331 -13.18 6.68 6.94
C ASP A 331 -12.42 5.37 6.91
N PHE A 332 -12.90 4.40 6.14
CA PHE A 332 -12.21 3.11 6.03
C PHE A 332 -10.83 3.29 5.39
N LEU A 333 -10.75 4.09 4.32
CA LEU A 333 -9.46 4.32 3.68
C LEU A 333 -8.52 5.11 4.57
N LYS A 334 -9.05 6.08 5.32
CA LYS A 334 -8.21 6.87 6.21
C LYS A 334 -7.60 6.00 7.30
N GLY A 335 -8.38 5.06 7.85
CA GLY A 335 -7.85 4.16 8.85
C GLY A 335 -6.76 3.26 8.30
N VAL A 336 -6.95 2.76 7.08
CA VAL A 336 -5.95 1.90 6.45
C VAL A 336 -4.66 2.69 6.21
N GLN A 337 -4.78 3.93 5.75
CA GLN A 337 -3.59 4.74 5.49
C GLN A 337 -2.81 5.01 6.76
N GLU A 338 -3.51 5.25 7.88
CA GLU A 338 -2.84 5.49 9.14
C GLU A 338 -2.07 4.25 9.60
N GLN A 339 -2.65 3.07 9.45
CA GLN A 339 -1.98 1.84 9.85
C GLN A 339 -0.72 1.60 8.99
N VAL A 340 -0.82 1.85 7.69
CA VAL A 340 0.33 1.69 6.81
C VAL A 340 1.42 2.70 7.17
N GLU A 341 1.03 3.94 7.47
CA GLU A 341 2.00 4.95 7.85
C GLU A 341 2.74 4.56 9.13
N ASN A 342 2.01 4.04 10.13
CA ASN A 342 2.66 3.62 11.36
C ASN A 342 3.63 2.48 11.12
N SER A 343 3.24 1.51 10.30
CA SER A 343 4.13 0.38 10.00
C SER A 343 5.37 0.83 9.25
N CYS A 344 5.21 1.73 8.28
CA CYS A 344 6.36 2.18 7.50
C CYS A 344 7.27 3.09 8.32
N ASN A 345 6.69 4.04 9.06
CA ASN A 345 7.48 5.00 9.82
C ASN A 345 8.05 4.42 11.10
N LEU A 346 7.63 3.22 11.51
CA LEU A 346 8.18 2.61 12.72
C LEU A 346 9.66 2.26 12.55
N LYS A 347 10.08 1.94 11.33
CA LYS A 347 11.45 1.56 11.06
C LYS A 347 12.16 2.44 10.04
N LEU A 348 11.42 3.14 9.18
CA LEU A 348 12.07 4.05 8.25
C LEU A 348 12.75 5.20 8.98
N THR A 349 12.07 5.77 9.98
CA THR A 349 12.66 6.88 10.73
C THR A 349 13.75 6.40 11.68
N LYS A 350 13.53 5.28 12.37
CA LYS A 350 14.47 4.84 13.39
C LYS A 350 15.75 4.29 12.77
N TYR A 351 15.64 3.47 11.73
CA TYR A 351 16.78 2.76 11.17
C TYR A 351 17.31 3.38 9.89
N PHE A 352 16.47 4.05 9.11
CA PHE A 352 16.88 4.57 7.81
C PHE A 352 16.81 6.09 7.70
N GLY A 353 16.29 6.78 8.71
CA GLY A 353 16.22 8.23 8.66
C GLY A 353 15.34 8.75 7.54
N LEU A 354 14.20 8.11 7.32
CA LEU A 354 13.27 8.53 6.28
C LEU A 354 11.86 8.62 6.86
N ASP A 355 11.06 9.52 6.28
CA ASP A 355 9.68 9.72 6.71
C ASP A 355 8.78 9.67 5.48
N MET A 356 7.69 8.92 5.58
CA MET A 356 6.73 8.79 4.50
C MET A 356 5.37 9.32 4.96
N LYS A 357 4.63 9.91 4.02
CA LYS A 357 3.33 10.47 4.30
C LYS A 357 2.41 10.24 3.10
N PHE A 358 1.15 9.99 3.37
CA PHE A 358 0.15 9.80 2.33
C PHE A 358 -0.44 11.14 1.92
N ASN A 359 -0.68 11.29 0.62
CA ASN A 359 -1.35 12.49 0.13
C ASN A 359 -2.81 12.50 0.59
N SER A 360 -3.41 13.68 0.55
CA SER A 360 -4.79 13.83 0.98
C SER A 360 -5.72 13.04 0.06
N LEU A 361 -6.69 12.35 0.67
CA LEU A 361 -7.65 11.59 -0.10
C LEU A 361 -8.52 12.49 -0.96
N ILE A 362 -8.90 13.65 -0.44
CA ILE A 362 -9.73 14.61 -1.16
C ILE A 362 -8.82 15.56 -1.92
N MET A 363 -8.99 15.62 -3.23
CA MET A 363 -8.21 16.50 -4.09
C MET A 363 -9.13 17.59 -4.63
N LEU A 364 -8.77 18.85 -4.36
CA LEU A 364 -9.58 19.97 -4.83
C LEU A 364 -9.29 20.26 -6.30
N SER A 365 -10.34 20.59 -7.03
CA SER A 365 -10.21 20.97 -8.43
C SER A 365 -9.70 22.41 -8.54
N GLU A 366 -9.30 22.78 -9.76
CA GLU A 366 -8.80 24.14 -9.98
C GLU A 366 -9.87 25.18 -9.71
N GLU A 367 -11.11 24.91 -10.12
CA GLU A 367 -12.20 25.83 -9.86
C GLU A 367 -12.47 25.95 -8.36
N GLN A 368 -12.39 24.84 -7.63
CA GLN A 368 -12.65 24.89 -6.19
C GLN A 368 -11.57 25.69 -5.46
N LYS A 369 -10.32 25.58 -5.90
CA LYS A 369 -9.25 26.34 -5.26
C LYS A 369 -9.46 27.84 -5.41
N VAL A 370 -9.90 28.28 -6.59
CA VAL A 370 -10.14 29.70 -6.82
C VAL A 370 -11.31 30.18 -5.95
N GLU A 371 -12.36 29.38 -5.83
CA GLU A 371 -13.51 29.77 -5.02
C GLU A 371 -13.12 29.92 -3.55
N ARG A 372 -12.29 29.00 -3.05
CA ARG A 372 -11.84 29.10 -1.66
C ARG A 372 -10.99 30.34 -1.43
N ASP A 373 -10.13 30.68 -2.41
CA ASP A 373 -9.31 31.88 -2.28
C ASP A 373 -10.15 33.14 -2.26
N ILE A 374 -11.20 33.19 -3.08
CA ILE A 374 -12.07 34.37 -3.11
C ILE A 374 -12.76 34.56 -1.77
N LYS A 375 -13.28 33.47 -1.19
CA LYS A 375 -13.96 33.57 0.10
C LYS A 375 -12.98 33.97 1.21
N LEU A 376 -11.76 33.42 1.18
CA LEU A 376 -10.78 33.76 2.20
C LEU A 376 -10.36 35.21 2.11
N ILE A 377 -10.19 35.73 0.90
CA ILE A 377 -9.84 37.14 0.72
C ILE A 377 -10.96 38.04 1.22
N GLU A 378 -12.22 37.65 0.95
CA GLU A 378 -13.36 38.41 1.45
C GLU A 378 -13.38 38.44 2.96
N LEU A 379 -13.02 37.31 3.60
CA LEU A 379 -12.94 37.27 5.06
C LEU A 379 -11.89 38.24 5.59
N TYR A 380 -10.72 38.29 4.94
CA TYR A 380 -9.68 39.22 5.36
C TYR A 380 -10.10 40.66 5.15
N SER A 381 -10.80 40.94 4.04
CA SER A 381 -11.28 42.30 3.78
C SER A 381 -12.28 42.74 4.85
N LYS A 382 -13.19 41.84 5.24
CA LYS A 382 -14.16 42.17 6.29
C LYS A 382 -13.45 42.39 7.63
N TYR A 383 -12.45 41.56 7.93
CA TYR A 383 -11.72 41.72 9.19
C TYR A 383 -10.98 43.05 9.22
N ASN A 384 -10.36 43.43 8.12
CA ASN A 384 -9.64 44.70 8.07
C ASN A 384 -10.60 45.88 8.23
N GLN A 385 -11.77 45.80 7.62
CA GLN A 385 -12.75 46.88 7.74
C GLN A 385 -13.25 47.01 9.18
N LEU A 386 -13.47 45.88 9.85
CA LEU A 386 -13.92 45.92 11.23
C LEU A 386 -12.88 46.57 12.15
N ILE A 387 -11.61 46.21 11.96
CA ILE A 387 -10.56 46.75 12.83
C ILE A 387 -10.42 48.25 12.63
N GLN A 388 -10.46 48.71 11.38
CA GLN A 388 -10.23 50.13 11.10
C GLN A 388 -11.37 50.99 11.61
N SER A 389 -12.61 50.51 11.51
CA SER A 389 -13.80 51.31 11.80
C SER A 389 -14.49 50.87 13.09
N SER A 390 -13.70 50.55 14.12
CA SER A 390 -14.26 50.19 15.42
C SER A 390 -13.39 50.77 16.52
N SER A 391 -13.97 50.85 17.71
CA SER A 391 -13.29 51.36 18.89
C SER A 391 -13.30 50.32 20.01
N PHE A 392 -13.14 49.05 19.64
CA PHE A 392 -13.11 47.99 20.63
C PHE A 392 -11.84 48.04 21.46
N ASN A 393 -11.95 47.61 22.71
CA ASN A 393 -10.79 47.56 23.59
C ASN A 393 -9.80 46.49 23.12
N ASN A 394 -8.56 46.63 23.57
CA ASN A 394 -7.52 45.68 23.17
C ASN A 394 -7.86 44.27 23.64
N GLU A 395 -8.36 44.13 24.87
CA GLU A 395 -8.75 42.81 25.36
C GLU A 395 -9.90 42.25 24.55
N GLU A 396 -10.89 43.08 24.21
CA GLU A 396 -12.00 42.63 23.39
C GLU A 396 -11.52 42.24 21.99
N LEU A 397 -10.62 43.04 21.42
CA LEU A 397 -10.05 42.70 20.12
C LEU A 397 -9.23 41.42 20.20
N ALA A 398 -8.44 41.27 21.28
CA ALA A 398 -7.64 40.06 21.44
C ALA A 398 -8.53 38.84 21.60
N MET A 399 -9.58 38.95 22.42
CA MET A 399 -10.46 37.81 22.67
C MET A 399 -11.12 37.32 21.38
N LEU A 400 -11.45 38.23 20.46
CA LEU A 400 -12.03 37.83 19.19
C LEU A 400 -11.08 36.96 18.38
N LYS A 401 -9.77 37.13 18.58
CA LYS A 401 -8.80 36.40 17.76
C LYS A 401 -8.82 34.90 18.05
N GLU A 402 -8.86 34.52 19.32
CA GLU A 402 -8.85 33.09 19.65
C GLU A 402 -10.12 32.40 19.18
N LYS A 403 -11.26 33.07 19.29
CA LYS A 403 -12.53 32.50 18.88
C LYS A 403 -12.72 32.50 17.37
N LEU A 404 -11.80 33.10 16.62
CA LEU A 404 -11.82 33.05 15.17
C LEU A 404 -10.91 31.93 14.68
N PHE A 405 -11.39 31.14 13.71
CA PHE A 405 -10.61 30.03 13.21
C PHE A 405 -9.45 30.51 12.35
N SER A 406 -9.69 31.47 11.45
CA SER A 406 -8.65 31.89 10.53
C SER A 406 -7.60 32.75 11.23
N PHE A 407 -8.00 33.56 12.19
CA PHE A 407 -7.08 34.45 12.88
C PHE A 407 -6.76 33.96 14.28
N GLN B 75 53.96 14.11 0.40
CA GLN B 75 52.91 13.40 1.12
C GLN B 75 51.58 13.54 0.39
N LEU B 76 51.59 14.28 -0.73
CA LEU B 76 50.36 14.47 -1.49
C LEU B 76 49.84 13.15 -2.04
N LEU B 77 50.73 12.32 -2.58
CA LEU B 77 50.31 11.01 -3.06
C LEU B 77 50.02 10.06 -1.91
N LEU B 78 50.75 10.18 -0.80
CA LEU B 78 50.53 9.31 0.35
C LEU B 78 49.14 9.48 0.92
N GLU B 79 48.69 10.74 1.09
CA GLU B 79 47.34 10.98 1.58
C GLU B 79 46.28 10.68 0.52
N ALA B 80 46.63 10.74 -0.76
CA ALA B 80 45.69 10.38 -1.81
C ALA B 80 45.30 8.91 -1.72
N GLU B 81 46.28 8.04 -1.43
CA GLU B 81 45.97 6.62 -1.26
C GLU B 81 45.08 6.40 -0.05
N ARG B 82 45.32 7.13 1.03
CA ARG B 82 44.43 7.06 2.19
C ARG B 82 43.03 7.55 1.82
N ILE B 83 42.96 8.63 1.04
CA ILE B 83 41.66 9.09 0.55
C ILE B 83 41.01 8.03 -0.33
N ASN B 84 41.81 7.41 -1.21
CA ASN B 84 41.28 6.33 -2.05
C ASN B 84 40.85 5.14 -1.21
N GLU B 85 41.58 4.84 -0.13
CA GLU B 85 41.25 3.69 0.71
C GLU B 85 39.85 3.85 1.33
N ILE B 86 39.55 5.05 1.84
CA ILE B 86 38.23 5.29 2.38
C ILE B 86 37.17 5.25 1.29
N ASP B 87 37.50 5.79 0.11
CA ASP B 87 36.55 5.82 -0.99
C ASP B 87 36.17 4.41 -1.44
N THR B 88 37.14 3.51 -1.53
CA THR B 88 36.86 2.15 -2.00
C THR B 88 35.92 1.42 -1.06
N LEU B 89 36.18 1.48 0.24
CA LEU B 89 35.32 0.79 1.19
C LEU B 89 33.96 1.48 1.30
N ALA B 90 33.93 2.81 1.19
CA ALA B 90 32.66 3.53 1.19
C ALA B 90 31.81 3.17 -0.02
N LYS B 91 32.45 3.01 -1.19
CA LYS B 91 31.71 2.71 -2.40
C LYS B 91 31.00 1.37 -2.31
N ALA B 92 31.64 0.38 -1.70
CA ALA B 92 31.07 -0.96 -1.59
C ALA B 92 30.07 -1.10 -0.45
N HIS B 93 29.89 -0.06 0.36
CA HIS B 93 28.94 -0.13 1.47
C HIS B 93 27.89 0.96 1.43
N LEU B 94 28.25 2.17 1.01
CA LEU B 94 27.30 3.26 0.91
C LEU B 94 26.60 3.23 -0.45
N SER B 95 25.52 3.99 -0.54
CA SER B 95 24.74 4.08 -1.77
C SER B 95 25.51 4.83 -2.85
N ASN B 96 25.10 4.62 -4.10
CA ASN B 96 25.66 5.36 -5.22
C ASN B 96 25.32 6.84 -5.18
N HIS B 97 24.39 7.24 -4.31
CA HIS B 97 24.11 8.66 -4.11
C HIS B 97 25.27 9.39 -3.44
N PHE B 98 26.14 8.65 -2.75
CA PHE B 98 27.32 9.20 -2.10
C PHE B 98 28.58 9.04 -2.95
N ASN B 99 28.42 8.92 -4.26
CA ASN B 99 29.56 8.76 -5.16
C ASN B 99 30.27 10.09 -5.34
N LYS B 100 31.61 10.04 -5.44
CA LYS B 100 32.39 11.25 -5.55
C LYS B 100 31.96 12.13 -6.72
N GLU B 101 31.54 11.50 -7.83
CA GLU B 101 31.13 12.28 -9.00
C GLU B 101 29.87 13.08 -8.74
N VAL B 102 28.83 12.42 -8.20
CA VAL B 102 27.58 13.13 -7.95
C VAL B 102 27.72 14.11 -6.79
N LEU B 103 28.55 13.78 -5.79
CA LEU B 103 28.79 14.71 -4.69
C LEU B 103 29.49 15.96 -5.18
N LEU B 104 30.43 15.82 -6.12
CA LEU B 104 31.10 16.99 -6.69
C LEU B 104 30.11 17.88 -7.44
N ALA B 105 29.12 17.27 -8.10
CA ALA B 105 28.12 18.06 -8.82
C ALA B 105 27.32 18.95 -7.87
N LYS B 106 26.98 18.43 -6.69
CA LYS B 106 26.22 19.20 -5.72
C LYS B 106 27.01 20.36 -5.11
N GLY B 107 28.34 20.39 -5.31
CA GLY B 107 29.14 21.49 -4.83
C GLY B 107 29.76 21.29 -3.47
N TYR B 108 30.46 20.18 -3.28
CA TYR B 108 31.20 19.91 -2.06
C TYR B 108 32.68 19.74 -2.38
N THR B 109 33.53 20.30 -1.53
CA THR B 109 34.96 20.17 -1.70
C THR B 109 35.40 18.74 -1.43
N LEU B 110 36.62 18.42 -1.89
CA LEU B 110 37.14 17.06 -1.74
C LEU B 110 37.26 16.67 -0.27
N LYS B 111 37.75 17.58 0.56
CA LYS B 111 37.84 17.29 1.99
C LYS B 111 36.44 17.14 2.60
N ASP B 112 35.49 17.96 2.16
CA ASP B 112 34.12 17.83 2.64
C ASP B 112 33.50 16.51 2.20
N ILE B 113 33.79 16.07 0.98
CA ILE B 113 33.26 14.80 0.49
C ILE B 113 33.78 13.65 1.34
N MET B 114 35.09 13.65 1.64
CA MET B 114 35.68 12.53 2.38
C MET B 114 35.13 12.47 3.81
N GLN B 115 35.06 13.61 4.49
CA GLN B 115 34.55 13.61 5.86
C GLN B 115 33.08 13.21 5.90
N ALA B 116 32.28 13.69 4.94
CA ALA B 116 30.88 13.29 4.88
C ALA B 116 30.74 11.80 4.66
N GLN B 117 31.56 11.23 3.77
CA GLN B 117 31.55 9.78 3.58
C GLN B 117 31.98 9.05 4.83
N ARG B 118 32.95 9.61 5.56
CA ARG B 118 33.39 8.99 6.81
C ARG B 118 32.26 8.94 7.82
N ARG B 119 31.48 10.02 7.92
CA ARG B 119 30.41 10.07 8.91
C ARG B 119 29.34 9.01 8.64
N GLU B 120 28.98 8.81 7.37
CA GLU B 120 27.97 7.82 7.03
C GLU B 120 28.44 6.41 7.38
N LEU B 121 29.72 6.12 7.14
CA LEU B 121 30.25 4.79 7.44
C LEU B 121 30.18 4.49 8.93
N VAL B 122 30.49 5.48 9.76
CA VAL B 122 30.45 5.27 11.21
C VAL B 122 29.04 4.93 11.66
N ARG B 123 28.04 5.67 11.15
CA ARG B 123 26.66 5.39 11.50
C ARG B 123 26.23 4.01 11.01
N LYS B 124 26.65 3.63 9.81
CA LYS B 124 26.23 2.34 9.25
C LYS B 124 26.75 1.17 10.07
N PHE B 125 28.02 1.20 10.47
CA PHE B 125 28.65 0.07 11.15
C PHE B 125 28.73 0.27 12.66
N VAL B 126 29.36 1.35 13.11
CA VAL B 126 29.55 1.58 14.55
C VAL B 126 28.19 1.82 15.19
N PRO B 127 27.84 1.12 16.27
CA PRO B 127 26.58 1.39 16.95
C PRO B 127 26.56 2.77 17.60
N ILE B 128 25.34 3.24 17.90
CA ILE B 128 25.18 4.58 18.44
C ILE B 128 25.81 4.69 19.82
N GLU B 129 25.78 3.62 20.62
CA GLU B 129 26.35 3.67 21.96
C GLU B 129 27.85 3.92 21.93
N GLN B 130 28.56 3.27 20.99
CA GLN B 130 29.99 3.50 20.85
C GLN B 130 30.29 4.93 20.42
N ILE B 131 29.46 5.49 19.53
CA ILE B 131 29.64 6.87 19.13
C ILE B 131 29.45 7.81 20.31
N LYS B 132 28.48 7.51 21.17
CA LYS B 132 28.25 8.34 22.36
C LYS B 132 29.41 8.27 23.34
N ALA B 133 30.31 7.29 23.18
CA ALA B 133 31.47 7.15 24.05
C ALA B 133 32.74 7.71 23.42
N ILE B 134 33.08 7.23 22.22
CA ILE B 134 34.31 7.68 21.56
C ILE B 134 34.20 9.14 21.15
N ALA B 135 33.08 9.51 20.51
CA ALA B 135 32.87 10.89 20.10
C ALA B 135 32.22 11.74 21.17
N LYS B 136 31.74 11.14 22.26
CA LYS B 136 31.15 11.79 23.42
C LYS B 136 29.81 12.46 23.13
N VAL B 137 29.36 12.50 21.87
CA VAL B 137 28.07 13.06 21.51
C VAL B 137 27.41 12.15 20.48
N SER B 138 26.09 12.29 20.36
CA SER B 138 25.33 11.47 19.42
C SER B 138 25.55 11.92 17.98
N ASP B 139 25.44 13.22 17.73
CA ASP B 139 25.55 13.76 16.37
C ASP B 139 27.01 13.78 15.93
N ILE B 140 27.27 13.30 14.71
CA ILE B 140 28.61 13.31 14.14
C ILE B 140 28.82 14.49 13.20
N SER B 141 27.83 15.38 13.10
CA SER B 141 27.90 16.50 12.16
C SER B 141 28.97 17.53 12.52
N HIS B 142 29.56 17.45 13.71
CA HIS B 142 30.58 18.39 14.13
C HIS B 142 31.76 17.65 14.76
N ILE B 143 32.09 16.48 14.24
CA ILE B 143 33.15 15.63 14.78
C ILE B 143 34.27 15.39 13.77
N ASP B 144 34.18 15.97 12.58
CA ASP B 144 35.20 15.77 11.56
C ASP B 144 36.57 16.19 12.07
N GLY B 145 37.57 15.33 11.86
CA GLY B 145 38.90 15.59 12.35
C GLY B 145 39.57 14.35 12.92
N GLU B 146 40.40 14.54 13.95
CA GLU B 146 41.06 13.40 14.58
C GLU B 146 40.07 12.47 15.26
N ILE B 147 39.03 13.04 15.90
CA ILE B 147 38.01 12.21 16.54
C ILE B 147 37.27 11.38 15.50
N LEU B 148 37.02 11.96 14.32
CA LEU B 148 36.41 11.20 13.24
C LEU B 148 37.30 10.05 12.79
N GLU B 149 38.63 10.27 12.80
CA GLU B 149 39.55 9.20 12.42
C GLU B 149 39.45 8.03 13.40
N GLN B 150 39.29 8.32 14.69
CA GLN B 150 39.07 7.26 15.67
C GLN B 150 37.77 6.52 15.39
N LEU B 151 36.72 7.25 15.02
CA LEU B 151 35.43 6.63 14.76
C LEU B 151 35.50 5.71 13.55
N VAL B 152 36.11 6.18 12.46
CA VAL B 152 36.20 5.34 11.25
C VAL B 152 37.14 4.17 11.48
N SER B 153 38.11 4.31 12.38
CA SER B 153 38.98 3.18 12.70
C SER B 153 38.20 2.04 13.31
N LEU B 154 37.26 2.34 14.21
CA LEU B 154 36.40 1.31 14.77
C LEU B 154 35.50 0.72 13.70
N ALA B 155 35.03 1.54 12.75
CA ALA B 155 34.20 1.04 11.67
C ALA B 155 34.97 0.05 10.80
N LYS B 156 36.25 0.31 10.55
CA LYS B 156 37.08 -0.63 9.80
C LYS B 156 37.20 -1.96 10.54
N VAL B 157 37.30 -1.90 11.87
CA VAL B 157 37.29 -3.14 12.66
C VAL B 157 35.93 -3.81 12.58
N ASN B 158 34.85 -3.01 12.54
CA ASN B 158 33.51 -3.56 12.54
C ASN B 158 33.25 -4.42 11.29
N ILE B 159 33.70 -3.95 10.13
CA ILE B 159 33.46 -4.71 8.90
C ILE B 159 34.27 -5.99 8.89
N LYS B 160 35.45 -6.00 9.53
CA LYS B 160 36.27 -7.21 9.56
C LYS B 160 35.57 -8.31 10.34
N LEU B 161 35.02 -8.00 11.51
CA LEU B 161 34.32 -9.00 12.30
C LEU B 161 32.98 -9.37 11.68
N ARG B 162 32.36 -8.44 10.95
CA ARG B 162 31.11 -8.74 10.26
C ARG B 162 31.31 -9.80 9.18
N LYS B 163 32.41 -9.71 8.44
CA LYS B 163 32.71 -10.67 7.39
C LYS B 163 33.13 -12.02 7.98
#